data_3T0L
#
_entry.id   3T0L
#
_cell.length_a   82.440
_cell.length_b   112.790
_cell.length_c   62.650
_cell.angle_alpha   90.00
_cell.angle_beta   90.00
_cell.angle_gamma   90.00
#
_symmetry.space_group_name_H-M   'C 2 2 21'
#
loop_
_entity.id
_entity.type
_entity.pdbx_description
1 polymer '14-3-3 protein sigma'
2 non-polymer '[2-(2-oxo-2-{[2-(trifluoromethyl)phenyl]amino}ethoxy)phenyl]phosphonic acid'
3 non-polymer GLYCEROL
4 non-polymer 'CHLORIDE ION'
5 non-polymer 'MAGNESIUM ION'
6 water water
#
_entity_poly.entity_id   1
_entity_poly.type   'polypeptide(L)'
_entity_poly.pdbx_seq_one_letter_code
;AMGSMERASLIQKAKLAEQAERYEDMAAFMKGAVEKGEELSCEERNLLSVAYKNVVGGQRAAWRVLSSIEQKSNEEGSEE
KGPEVREYREKVETELQGVCDTVLGLLDSHLIKEAGDAESRVFYLKMKGDYYRYLAEVATGDDKKRIIDSARSAYQEAMD
ISKKEMPPTNPIRLGLALNFSVFHYEIANSPEEAISLAKTTFDEAMADLHTLSEDSYKDSTLIMQLLRDNLTLWT
;
_entity_poly.pdbx_strand_id   A
#
loop_
_chem_comp.id
_chem_comp.type
_chem_comp.name
_chem_comp.formula
1CT non-polymer '[2-(2-oxo-2-{[2-(trifluoromethyl)phenyl]amino}ethoxy)phenyl]phosphonic acid' 'C15 H13 F3 N O5 P'
CL non-polymer 'CHLORIDE ION' 'Cl -1'
GOL non-polymer GLYCEROL 'C3 H8 O3'
MG non-polymer 'MAGNESIUM ION' 'Mg 2'
#
# COMPACT_ATOMS: atom_id res chain seq x y z
N ALA A 1 -7.70 0.52 23.02
CA ALA A 1 -8.27 1.59 23.89
C ALA A 1 -9.46 2.25 23.24
N MET A 2 -9.90 1.84 22.01
CA MET A 2 -10.97 2.66 21.46
C MET A 2 -12.33 2.04 21.62
N GLY A 3 -12.40 0.98 22.41
CA GLY A 3 -13.65 0.21 22.56
C GLY A 3 -14.84 1.00 23.07
N SER A 4 -14.59 2.04 23.85
CA SER A 4 -15.70 2.82 24.43
CA SER A 4 -15.69 2.82 24.42
C SER A 4 -16.12 4.00 23.59
N MET A 5 -15.42 4.27 22.49
CA MET A 5 -15.78 5.42 21.66
C MET A 5 -16.69 4.99 20.52
N GLU A 6 -17.73 5.79 20.25
CA GLU A 6 -18.62 5.57 19.08
C GLU A 6 -17.88 5.48 17.75
N ARG A 7 -18.33 4.54 16.91
CA ARG A 7 -17.74 4.49 15.57
C ARG A 7 -17.73 5.84 14.87
N ALA A 8 -18.87 6.55 14.89
CA ALA A 8 -18.93 7.82 14.16
C ALA A 8 -17.94 8.81 14.75
N SER A 9 -17.76 8.75 16.06
CA SER A 9 -16.84 9.68 16.73
C SER A 9 -15.38 9.37 16.36
N LEU A 10 -15.08 8.09 16.24
CA LEU A 10 -13.73 7.68 15.75
C LEU A 10 -13.46 8.21 14.35
N ILE A 11 -14.43 8.10 13.45
CA ILE A 11 -14.23 8.60 12.08
CA ILE A 11 -14.25 8.60 12.09
C ILE A 11 -14.08 10.10 12.08
N GLN A 12 -14.93 10.80 12.87
CA GLN A 12 -14.80 12.27 12.95
C GLN A 12 -13.41 12.69 13.48
N LYS A 13 -12.94 11.97 14.50
CA LYS A 13 -11.63 12.30 15.05
C LYS A 13 -10.51 11.94 14.10
N ALA A 14 -10.67 10.87 13.32
CA ALA A 14 -9.63 10.63 12.30
C ALA A 14 -9.50 11.75 11.31
N LYS A 15 -10.65 12.34 10.91
CA LYS A 15 -10.58 13.42 9.97
C LYS A 15 -9.94 14.68 10.62
N LEU A 16 -10.23 14.91 11.90
CA LEU A 16 -9.60 16.03 12.62
C LEU A 16 -8.06 15.79 12.74
N ALA A 17 -7.67 14.55 13.03
CA ALA A 17 -6.25 14.22 13.17
C ALA A 17 -5.58 14.41 11.82
N GLU A 18 -6.23 14.07 10.71
CA GLU A 18 -5.63 14.29 9.39
C GLU A 18 -5.37 15.82 9.20
N GLN A 19 -6.36 16.64 9.56
CA GLN A 19 -6.20 18.11 9.38
C GLN A 19 -5.04 18.65 10.21
N ALA A 20 -4.84 18.07 11.40
CA ALA A 20 -3.79 18.45 12.34
C ALA A 20 -2.43 17.79 12.03
N GLU A 21 -2.40 16.94 11.01
CA GLU A 21 -1.20 16.15 10.64
C GLU A 21 -0.75 15.24 11.78
N ARG A 22 -1.70 14.67 12.52
CA ARG A 22 -1.40 13.83 13.64
C ARG A 22 -1.73 12.41 13.19
N TYR A 23 -0.80 11.84 12.43
CA TYR A 23 -1.10 10.58 11.71
C TYR A 23 -1.09 9.36 12.60
N GLU A 24 -0.28 9.34 13.64
CA GLU A 24 -0.36 8.23 14.59
CA GLU A 24 -0.33 8.26 14.64
C GLU A 24 -1.75 8.23 15.25
N ASP A 25 -2.23 9.42 15.67
CA ASP A 25 -3.59 9.43 16.23
C ASP A 25 -4.64 9.03 15.19
N MET A 26 -4.45 9.49 13.97
CA MET A 26 -5.40 9.15 12.91
C MET A 26 -5.44 7.63 12.75
N ALA A 27 -4.27 6.98 12.75
CA ALA A 27 -4.25 5.52 12.57
C ALA A 27 -4.91 4.80 13.74
N ALA A 28 -4.69 5.27 15.00
CA ALA A 28 -5.35 4.61 16.11
C ALA A 28 -6.87 4.77 16.08
N PHE A 29 -7.34 5.96 15.64
CA PHE A 29 -8.78 6.17 15.49
C PHE A 29 -9.33 5.20 14.45
N MET A 30 -8.66 5.09 13.29
CA MET A 30 -9.20 4.23 12.25
C MET A 30 -9.07 2.73 12.62
N LYS A 31 -8.02 2.31 13.34
CA LYS A 31 -7.98 0.95 13.85
C LYS A 31 -9.20 0.68 14.75
N GLY A 32 -9.49 1.66 15.66
CA GLY A 32 -10.67 1.53 16.49
C GLY A 32 -11.93 1.38 15.67
N ALA A 33 -12.06 2.20 14.61
CA ALA A 33 -13.28 2.12 13.74
C ALA A 33 -13.35 0.75 13.06
N VAL A 34 -12.23 0.25 12.55
CA VAL A 34 -12.28 -1.08 11.91
C VAL A 34 -12.72 -2.14 12.92
N GLU A 35 -12.17 -2.05 14.14
CA GLU A 35 -12.45 -3.07 15.17
C GLU A 35 -13.91 -3.05 15.67
N LYS A 36 -14.68 -2.07 15.27
CA LYS A 36 -16.13 -2.18 15.50
C LYS A 36 -16.79 -3.27 14.77
N GLY A 37 -16.15 -3.75 13.70
CA GLY A 37 -16.67 -4.95 13.05
C GLY A 37 -17.51 -4.68 11.82
N GLU A 38 -17.91 -3.44 11.57
CA GLU A 38 -18.72 -3.12 10.39
CA GLU A 38 -18.72 -3.12 10.40
C GLU A 38 -17.80 -2.91 9.17
N GLU A 39 -18.33 -3.14 7.98
CA GLU A 39 -17.56 -2.86 6.77
C GLU A 39 -17.28 -1.35 6.67
N LEU A 40 -16.23 -0.96 5.95
CA LEU A 40 -15.87 0.47 5.73
C LEU A 40 -16.39 0.96 4.43
N SER A 41 -16.85 2.18 4.42
CA SER A 41 -17.22 2.84 3.17
C SER A 41 -15.98 3.28 2.36
N CYS A 42 -16.15 3.78 1.12
CA CYS A 42 -15.01 4.20 0.34
CA CYS A 42 -14.99 4.23 0.35
C CYS A 42 -14.21 5.29 1.06
N GLU A 43 -14.93 6.28 1.61
CA GLU A 43 -14.28 7.40 2.33
CA GLU A 43 -14.20 7.37 2.20
C GLU A 43 -13.47 6.87 3.49
N GLU A 44 -14.06 5.96 4.23
CA GLU A 44 -13.40 5.36 5.41
C GLU A 44 -12.18 4.53 5.01
N ARG A 45 -12.28 3.74 3.94
CA ARG A 45 -11.09 2.99 3.48
C ARG A 45 -9.95 3.95 3.17
N ASN A 46 -10.27 5.09 2.54
CA ASN A 46 -9.24 6.05 2.23
C ASN A 46 -8.63 6.66 3.47
N LEU A 47 -9.43 6.89 4.51
CA LEU A 47 -8.88 7.40 5.76
C LEU A 47 -7.92 6.39 6.38
N LEU A 48 -8.28 5.11 6.31
CA LEU A 48 -7.43 4.04 6.93
C LEU A 48 -6.11 4.00 6.16
N SER A 49 -6.16 4.04 4.82
CA SER A 49 -4.93 3.98 4.04
CA SER A 49 -4.91 3.95 4.09
C SER A 49 -4.04 5.21 4.23
N VAL A 50 -4.65 6.39 4.26
CA VAL A 50 -3.84 7.63 4.46
C VAL A 50 -3.13 7.61 5.82
N ALA A 51 -3.82 7.17 6.84
CA ALA A 51 -3.25 7.17 8.21
C ALA A 51 -2.00 6.28 8.27
N TYR A 52 -2.21 5.02 7.88
CA TYR A 52 -1.06 4.10 7.97
C TYR A 52 0.04 4.41 6.96
N LYS A 53 -0.31 4.93 5.79
CA LYS A 53 0.78 5.21 4.86
CA LYS A 53 0.70 5.35 4.78
C LYS A 53 1.65 6.31 5.42
N ASN A 54 1.10 7.30 6.12
CA ASN A 54 1.92 8.32 6.71
C ASN A 54 2.70 7.84 7.89
N VAL A 55 2.12 6.96 8.71
CA VAL A 55 2.88 6.40 9.86
C VAL A 55 4.04 5.55 9.34
N VAL A 56 3.76 4.61 8.44
CA VAL A 56 4.84 3.71 7.99
CA VAL A 56 4.86 3.73 8.00
C VAL A 56 5.83 4.51 7.15
N GLY A 57 5.36 5.54 6.43
CA GLY A 57 6.30 6.36 5.63
C GLY A 57 7.36 7.04 6.50
N GLY A 58 6.95 7.59 7.64
CA GLY A 58 7.92 8.15 8.61
C GLY A 58 8.93 7.09 9.04
N GLN A 59 8.41 5.88 9.32
CA GLN A 59 9.29 4.80 9.84
C GLN A 59 10.26 4.36 8.74
N ARG A 60 9.77 4.23 7.51
CA ARG A 60 10.63 3.78 6.40
C ARG A 60 11.72 4.81 6.17
N ALA A 61 11.39 6.10 6.21
CA ALA A 61 12.40 7.14 5.94
C ALA A 61 13.45 7.06 7.04
N ALA A 62 13.03 6.88 8.29
CA ALA A 62 14.02 6.83 9.39
C ALA A 62 14.91 5.59 9.25
N TRP A 63 14.28 4.45 8.94
CA TRP A 63 15.02 3.21 8.80
C TRP A 63 16.07 3.36 7.69
N ARG A 64 15.72 4.04 6.59
CA ARG A 64 16.72 4.22 5.51
C ARG A 64 17.89 5.06 5.92
N VAL A 65 17.64 6.12 6.68
CA VAL A 65 18.74 6.95 7.21
C VAL A 65 19.65 6.13 8.08
N LEU A 66 19.07 5.35 9.01
CA LEU A 66 19.84 4.56 9.97
C LEU A 66 20.61 3.43 9.29
N SER A 67 19.95 2.80 8.33
CA SER A 67 20.58 1.70 7.58
CA SER A 67 20.57 1.74 7.56
C SER A 67 21.79 2.22 6.80
N SER A 68 21.69 3.42 6.25
CA SER A 68 22.80 4.00 5.48
CA SER A 68 22.79 4.04 5.47
C SER A 68 23.95 4.29 6.41
N ILE A 69 23.64 4.87 7.56
CA ILE A 69 24.72 5.12 8.57
C ILE A 69 25.37 3.84 9.02
N GLU A 70 24.56 2.80 9.26
CA GLU A 70 25.08 1.51 9.70
C GLU A 70 25.99 0.88 8.62
N GLN A 71 25.62 1.06 7.36
CA GLN A 71 26.41 0.43 6.28
C GLN A 71 27.76 1.13 6.17
N LYS A 72 27.76 2.45 6.32
CA LYS A 72 29.01 3.23 6.36
C LYS A 72 29.92 2.89 7.57
N SER A 73 29.31 2.56 8.69
CA SER A 73 30.10 2.08 9.83
C SER A 73 30.70 0.69 9.62
N ASN A 74 30.21 -0.06 8.63
CA ASN A 74 30.67 -1.42 8.37
C ASN A 74 31.73 -1.57 7.26
N LYS A 81 32.76 1.85 15.30
CA LYS A 81 32.42 1.92 16.71
C LYS A 81 31.64 0.70 17.26
N GLY A 82 30.78 0.99 18.26
CA GLY A 82 30.06 0.01 19.09
C GLY A 82 28.67 -0.29 18.55
N PRO A 83 27.78 -0.80 19.41
CA PRO A 83 26.57 -1.44 18.93
C PRO A 83 25.43 -0.44 18.70
N GLU A 84 25.62 0.83 19.01
CA GLU A 84 24.44 1.73 19.11
C GLU A 84 23.70 1.94 17.77
N VAL A 85 24.38 2.09 16.64
CA VAL A 85 23.69 2.34 15.38
CA VAL A 85 23.68 2.35 15.37
C VAL A 85 22.85 1.13 15.05
N ARG A 86 23.44 -0.07 15.17
CA ARG A 86 22.65 -1.30 14.95
CA ARG A 86 22.66 -1.31 14.96
C ARG A 86 21.47 -1.43 15.91
N GLU A 87 21.69 -1.11 17.20
CA GLU A 87 20.60 -1.20 18.19
C GLU A 87 19.46 -0.26 17.77
N TYR A 88 19.80 0.97 17.40
CA TYR A 88 18.72 1.94 17.16
C TYR A 88 18.03 1.63 15.80
N ARG A 89 18.81 1.19 14.81
CA ARG A 89 18.15 0.73 13.54
C ARG A 89 17.21 -0.46 13.85
N GLU A 90 17.63 -1.42 14.67
CA GLU A 90 16.75 -2.52 15.05
CA GLU A 90 16.75 -2.52 15.12
C GLU A 90 15.49 -2.04 15.80
N LYS A 91 15.62 -1.01 16.65
CA LYS A 91 14.47 -0.41 17.37
CA LYS A 91 14.44 -0.49 17.37
C LYS A 91 13.44 0.08 16.36
N VAL A 92 13.92 0.91 15.45
CA VAL A 92 13.04 1.50 14.43
C VAL A 92 12.47 0.38 13.55
N GLU A 93 13.30 -0.58 13.15
CA GLU A 93 12.82 -1.72 12.35
C GLU A 93 11.71 -2.51 13.03
N THR A 94 11.85 -2.74 14.33
CA THR A 94 10.87 -3.55 15.04
C THR A 94 9.54 -2.74 15.12
N GLU A 95 9.63 -1.43 15.28
CA GLU A 95 8.40 -0.63 15.37
CA GLU A 95 8.45 -0.55 15.34
C GLU A 95 7.71 -0.60 14.00
N LEU A 96 8.52 -0.49 12.95
CA LEU A 96 7.98 -0.56 11.55
C LEU A 96 7.28 -1.91 11.35
N GLN A 97 7.92 -3.01 11.72
CA GLN A 97 7.33 -4.34 11.57
C GLN A 97 6.04 -4.43 12.34
N GLY A 98 6.01 -3.80 13.52
CA GLY A 98 4.77 -3.85 14.28
C GLY A 98 3.61 -3.12 13.62
N VAL A 99 3.88 -2.01 12.96
CA VAL A 99 2.84 -1.24 12.25
C VAL A 99 2.38 -2.11 11.09
N CYS A 100 3.31 -2.68 10.34
CA CYS A 100 2.83 -3.54 9.24
C CYS A 100 2.02 -4.73 9.72
N ASP A 101 2.41 -5.39 10.79
CA ASP A 101 1.67 -6.52 11.35
C ASP A 101 0.28 -6.06 11.83
N THR A 102 0.19 -4.83 12.35
CA THR A 102 -1.16 -4.29 12.76
C THR A 102 -2.06 -4.18 11.55
N VAL A 103 -1.52 -3.57 10.49
CA VAL A 103 -2.37 -3.38 9.31
C VAL A 103 -2.78 -4.75 8.74
N LEU A 104 -1.79 -5.64 8.60
CA LEU A 104 -2.09 -6.96 8.06
C LEU A 104 -3.11 -7.71 8.89
N GLY A 105 -3.03 -7.48 10.20
CA GLY A 105 -4.01 -8.11 11.10
C GLY A 105 -5.42 -7.56 10.91
N LEU A 106 -5.57 -6.27 10.67
CA LEU A 106 -6.89 -5.70 10.41
C LEU A 106 -7.43 -6.27 9.11
N LEU A 107 -6.54 -6.43 8.10
CA LEU A 107 -7.03 -6.97 6.83
C LEU A 107 -7.45 -8.42 6.98
N ASP A 108 -6.75 -9.19 7.80
CA ASP A 108 -7.09 -10.60 7.96
CA ASP A 108 -7.03 -10.61 8.06
C ASP A 108 -8.22 -10.83 8.98
N SER A 109 -8.48 -9.84 9.80
CA SER A 109 -9.52 -9.97 10.85
C SER A 109 -10.36 -8.69 10.92
N HIS A 110 -11.32 -8.46 10.01
CA HIS A 110 -11.78 -9.41 9.00
C HIS A 110 -12.12 -8.65 7.73
N LEU A 111 -11.33 -7.59 7.43
CA LEU A 111 -11.71 -6.72 6.31
C LEU A 111 -11.82 -7.49 4.96
N ILE A 112 -10.83 -8.29 4.63
CA ILE A 112 -10.81 -8.89 3.30
C ILE A 112 -11.94 -9.91 3.17
N LYS A 113 -12.13 -10.74 4.18
CA LYS A 113 -13.16 -11.78 4.03
C LYS A 113 -14.56 -11.22 3.88
N GLU A 114 -14.84 -10.02 4.39
CA GLU A 114 -16.21 -9.48 4.19
CA GLU A 114 -16.16 -9.39 4.29
C GLU A 114 -16.34 -8.60 3.00
N ALA A 115 -15.22 -8.38 2.27
CA ALA A 115 -15.22 -7.45 1.12
C ALA A 115 -15.67 -8.23 -0.13
N GLY A 116 -16.86 -7.94 -0.56
CA GLY A 116 -17.43 -8.66 -1.74
C GLY A 116 -17.44 -7.83 -2.98
N ASP A 117 -17.52 -6.52 -2.87
CA ASP A 117 -17.49 -5.70 -4.07
CA ASP A 117 -17.49 -5.82 -4.14
C ASP A 117 -16.08 -5.54 -4.60
N ALA A 118 -15.92 -5.40 -5.92
CA ALA A 118 -14.57 -5.26 -6.45
C ALA A 118 -13.79 -4.09 -5.89
N GLU A 119 -14.40 -2.90 -5.74
CA GLU A 119 -13.65 -1.75 -5.28
CA GLU A 119 -13.73 -1.72 -5.21
C GLU A 119 -13.11 -2.02 -3.86
N SER A 120 -13.88 -2.66 -3.00
CA SER A 120 -13.36 -2.88 -1.64
CA SER A 120 -13.34 -2.87 -1.65
C SER A 120 -12.31 -4.00 -1.64
N ARG A 121 -12.62 -5.11 -2.31
CA ARG A 121 -11.70 -6.27 -2.27
C ARG A 121 -10.34 -5.94 -2.91
N VAL A 122 -10.34 -5.25 -4.07
CA VAL A 122 -9.06 -4.83 -4.67
C VAL A 122 -8.31 -3.87 -3.76
N PHE A 123 -9.00 -2.89 -3.16
CA PHE A 123 -8.36 -1.93 -2.25
C PHE A 123 -7.66 -2.71 -1.12
N TYR A 124 -8.37 -3.66 -0.49
CA TYR A 124 -7.74 -4.34 0.64
C TYR A 124 -6.58 -5.24 0.23
N LEU A 125 -6.75 -5.95 -0.90
CA LEU A 125 -5.66 -6.83 -1.34
C LEU A 125 -4.47 -6.00 -1.77
N LYS A 126 -4.66 -4.84 -2.40
CA LYS A 126 -3.51 -3.92 -2.66
C LYS A 126 -2.80 -3.53 -1.37
N MET A 127 -3.58 -3.20 -0.34
CA MET A 127 -2.99 -2.85 0.97
CA MET A 127 -3.00 -2.85 0.96
C MET A 127 -2.18 -4.03 1.53
N LYS A 128 -2.72 -5.26 1.41
CA LYS A 128 -2.00 -6.43 1.90
C LYS A 128 -0.66 -6.57 1.14
N GLY A 129 -0.71 -6.40 -0.20
CA GLY A 129 0.55 -6.36 -1.00
C GLY A 129 1.52 -5.30 -0.50
N ASP A 130 1.04 -4.09 -0.27
CA ASP A 130 1.90 -2.98 0.09
C ASP A 130 2.57 -3.25 1.45
N TYR A 131 1.79 -3.72 2.44
CA TYR A 131 2.39 -3.89 3.81
C TYR A 131 3.31 -5.10 3.85
N TYR A 132 3.05 -6.16 3.07
CA TYR A 132 4.07 -7.20 2.99
C TYR A 132 5.31 -6.63 2.25
N ARG A 133 5.10 -5.76 1.24
CA ARG A 133 6.23 -5.13 0.58
C ARG A 133 7.12 -4.32 1.55
N TYR A 134 6.48 -3.59 2.45
CA TYR A 134 7.30 -2.82 3.43
C TYR A 134 8.00 -3.77 4.39
N LEU A 135 7.39 -4.88 4.76
CA LEU A 135 8.09 -5.91 5.55
C LEU A 135 9.27 -6.43 4.72
N ALA A 136 9.09 -6.61 3.41
CA ALA A 136 10.22 -7.18 2.61
C ALA A 136 11.37 -6.23 2.53
N GLU A 137 11.14 -4.91 2.57
CA GLU A 137 12.22 -3.94 2.45
C GLU A 137 13.25 -4.09 3.59
N VAL A 138 12.81 -4.58 4.75
CA VAL A 138 13.69 -4.73 5.90
C VAL A 138 14.03 -6.16 6.24
N ALA A 139 13.51 -7.12 5.45
CA ALA A 139 13.72 -8.53 5.71
C ALA A 139 15.08 -8.99 5.14
N THR A 140 15.62 -10.07 5.69
N THR A 140 15.72 -9.86 5.94
CA THR A 140 16.80 -10.67 5.07
CA THR A 140 17.12 -10.30 5.72
C THR A 140 16.56 -12.15 4.74
C THR A 140 17.35 -11.75 6.17
N GLY A 141 17.33 -12.68 3.80
N GLY A 141 16.30 -12.40 6.66
CA GLY A 141 17.47 -14.14 3.65
CA GLY A 141 16.45 -13.71 7.27
C GLY A 141 16.22 -14.86 3.22
C GLY A 141 15.80 -14.85 6.49
N ASP A 142 16.02 -16.05 3.78
N ASP A 142 15.47 -15.92 7.21
CA ASP A 142 14.87 -16.85 3.41
CA ASP A 142 14.90 -17.11 6.58
C ASP A 142 13.84 -16.87 4.54
C ASP A 142 13.45 -16.92 6.12
N ASP A 143 13.58 -15.69 5.11
N ASP A 143 13.00 -15.68 6.10
CA ASP A 143 12.28 -15.40 5.71
CA ASP A 143 11.65 -15.43 5.60
C ASP A 143 11.68 -14.40 4.72
C ASP A 143 11.51 -14.22 4.63
N LYS A 144 12.60 -13.62 4.18
CA LYS A 144 12.45 -12.65 3.11
C LYS A 144 11.71 -13.27 1.88
N LYS A 145 12.14 -14.46 1.48
CA LYS A 145 11.44 -15.10 0.34
C LYS A 145 9.97 -15.31 0.56
N ARG A 146 9.58 -15.80 1.73
CA ARG A 146 8.16 -16.07 1.99
CA ARG A 146 8.19 -16.06 2.08
C ARG A 146 7.43 -14.71 2.09
N ILE A 147 8.08 -13.67 2.61
CA ILE A 147 7.39 -12.37 2.69
C ILE A 147 7.14 -11.80 1.28
N ILE A 148 8.15 -11.93 0.39
CA ILE A 148 8.06 -11.46 -0.97
C ILE A 148 6.96 -12.25 -1.67
N ASP A 149 6.88 -13.56 -1.43
CA ASP A 149 5.79 -14.28 -2.05
CA ASP A 149 5.81 -14.41 -1.94
C ASP A 149 4.40 -13.92 -1.55
N SER A 150 4.28 -13.59 -0.25
CA SER A 150 3.02 -13.07 0.28
C SER A 150 2.63 -11.76 -0.42
N ALA A 151 3.59 -10.87 -0.61
CA ALA A 151 3.23 -9.62 -1.31
C ALA A 151 2.75 -9.89 -2.73
N ARG A 152 3.54 -10.75 -3.41
CA ARG A 152 3.26 -11.10 -4.82
CA ARG A 152 3.26 -10.99 -4.84
C ARG A 152 1.85 -11.65 -4.96
N SER A 153 1.54 -12.57 -4.09
CA SER A 153 0.26 -13.27 -4.14
CA SER A 153 0.24 -13.27 -4.14
C SER A 153 -0.92 -12.31 -3.93
N ALA A 154 -0.77 -11.41 -2.98
CA ALA A 154 -1.83 -10.43 -2.73
C ALA A 154 -2.04 -9.49 -3.93
N TYR A 155 -0.92 -8.93 -4.43
CA TYR A 155 -0.99 -8.10 -5.62
C TYR A 155 -1.61 -8.85 -6.81
N GLN A 156 -1.24 -10.11 -6.98
CA GLN A 156 -1.74 -10.87 -8.14
C GLN A 156 -3.22 -11.12 -8.05
N GLU A 157 -3.71 -11.49 -6.83
CA GLU A 157 -5.18 -11.66 -6.63
CA GLU A 157 -5.18 -11.65 -6.64
C GLU A 157 -5.91 -10.32 -6.93
N ALA A 158 -5.37 -9.21 -6.43
CA ALA A 158 -5.95 -7.90 -6.68
C ALA A 158 -5.97 -7.59 -8.19
N MET A 159 -4.90 -7.91 -8.90
CA MET A 159 -4.80 -7.61 -10.35
CA MET A 159 -4.79 -7.64 -10.34
C MET A 159 -5.86 -8.44 -11.07
N ASP A 160 -5.99 -9.73 -10.69
CA ASP A 160 -6.94 -10.60 -11.41
C ASP A 160 -8.35 -10.04 -11.28
N ILE A 161 -8.72 -9.61 -10.05
CA ILE A 161 -10.07 -9.06 -9.89
C ILE A 161 -10.22 -7.75 -10.64
N SER A 162 -9.22 -6.87 -10.54
CA SER A 162 -9.32 -5.56 -11.15
CA SER A 162 -9.27 -5.58 -11.16
C SER A 162 -9.46 -5.66 -12.67
N LYS A 163 -8.80 -6.63 -13.28
CA LYS A 163 -8.88 -6.74 -14.75
C LYS A 163 -10.23 -7.25 -15.18
N LYS A 164 -10.87 -8.07 -14.35
CA LYS A 164 -12.20 -8.60 -14.65
CA LYS A 164 -12.19 -8.61 -14.64
C LYS A 164 -13.33 -7.60 -14.38
N GLU A 165 -13.16 -6.76 -13.34
CA GLU A 165 -14.25 -6.01 -12.74
CA GLU A 165 -14.27 -6.01 -12.78
C GLU A 165 -14.20 -4.50 -12.84
N MET A 166 -13.05 -3.91 -13.22
CA MET A 166 -12.95 -2.45 -13.24
C MET A 166 -12.43 -2.02 -14.58
N PRO A 167 -12.78 -0.77 -15.01
CA PRO A 167 -12.23 -0.27 -16.26
C PRO A 167 -10.77 0.06 -16.09
N PRO A 168 -10.03 0.09 -17.21
CA PRO A 168 -8.60 0.33 -17.09
C PRO A 168 -8.24 1.68 -16.58
N THR A 169 -9.18 2.64 -16.52
CA THR A 169 -8.88 3.95 -15.96
C THR A 169 -9.22 4.06 -14.46
N ASN A 170 -9.80 3.02 -13.89
CA ASN A 170 -10.23 3.16 -12.48
C ASN A 170 -8.99 3.50 -11.58
N PRO A 171 -9.03 4.56 -10.74
CA PRO A 171 -7.85 4.91 -10.00
C PRO A 171 -7.34 3.85 -9.05
N ILE A 172 -8.23 3.05 -8.47
CA ILE A 172 -7.68 1.97 -7.62
CA ILE A 172 -7.84 1.87 -7.66
C ILE A 172 -6.96 0.95 -8.48
N ARG A 173 -7.50 0.59 -9.65
CA ARG A 173 -6.80 -0.34 -10.61
C ARG A 173 -5.45 0.26 -10.99
N LEU A 174 -5.43 1.57 -11.33
CA LEU A 174 -4.17 2.24 -11.70
C LEU A 174 -3.14 2.22 -10.58
N GLY A 175 -3.56 2.57 -9.38
CA GLY A 175 -2.63 2.60 -8.26
C GLY A 175 -2.13 1.22 -7.86
N LEU A 176 -2.99 0.21 -7.97
CA LEU A 176 -2.54 -1.17 -7.79
C LEU A 176 -1.41 -1.50 -8.78
N ALA A 177 -1.66 -1.23 -10.06
CA ALA A 177 -0.65 -1.55 -11.04
C ALA A 177 0.65 -0.78 -10.84
N LEU A 178 0.55 0.50 -10.47
CA LEU A 178 1.73 1.31 -10.14
C LEU A 178 2.51 0.59 -9.00
N ASN A 179 1.81 0.22 -7.91
CA ASN A 179 2.57 -0.35 -6.76
C ASN A 179 3.11 -1.74 -7.05
N PHE A 180 2.35 -2.53 -7.84
CA PHE A 180 2.87 -3.85 -8.23
C PHE A 180 4.09 -3.67 -9.11
N SER A 181 4.10 -2.67 -9.99
CA SER A 181 5.30 -2.38 -10.81
CA SER A 181 5.31 -2.38 -10.80
CA SER A 181 5.27 -2.35 -10.81
C SER A 181 6.48 -2.02 -9.92
N VAL A 182 6.24 -1.23 -8.88
CA VAL A 182 7.32 -0.88 -7.93
C VAL A 182 7.81 -2.13 -7.19
N PHE A 183 6.92 -3.01 -6.79
CA PHE A 183 7.28 -4.30 -6.18
C PHE A 183 8.24 -5.04 -7.14
N HIS A 184 7.87 -5.16 -8.43
CA HIS A 184 8.74 -5.91 -9.32
C HIS A 184 10.11 -5.24 -9.44
N TYR A 185 10.16 -3.89 -9.52
CA TYR A 185 11.46 -3.24 -9.76
C TYR A 185 12.34 -3.22 -8.50
N GLU A 186 11.74 -2.90 -7.37
CA GLU A 186 12.53 -2.67 -6.13
C GLU A 186 12.68 -3.90 -5.24
N ILE A 187 11.77 -4.86 -5.29
CA ILE A 187 11.77 -5.98 -4.34
C ILE A 187 12.11 -7.27 -5.06
N ALA A 188 11.43 -7.54 -6.21
CA ALA A 188 11.51 -8.85 -6.85
C ALA A 188 12.67 -8.94 -7.86
N ASN A 189 13.46 -7.89 -8.02
CA ASN A 189 14.59 -7.92 -8.98
CA ASN A 189 14.59 -7.81 -8.97
C ASN A 189 14.11 -8.23 -10.37
N SER A 190 12.96 -7.67 -10.72
CA SER A 190 12.31 -7.97 -12.03
C SER A 190 12.03 -6.67 -12.77
N PRO A 191 13.08 -5.89 -13.13
CA PRO A 191 12.87 -4.59 -13.79
C PRO A 191 12.12 -4.71 -15.12
N GLU A 192 12.31 -5.80 -15.82
CA GLU A 192 11.55 -5.89 -17.09
C GLU A 192 10.08 -6.11 -16.87
N GLU A 193 9.69 -6.88 -15.86
CA GLU A 193 8.27 -7.06 -15.53
C GLU A 193 7.68 -5.74 -15.10
N ALA A 194 8.47 -4.99 -14.33
CA ALA A 194 8.01 -3.63 -13.83
C ALA A 194 7.71 -2.69 -15.00
N ILE A 195 8.66 -2.65 -15.95
CA ILE A 195 8.48 -1.76 -17.13
C ILE A 195 7.31 -2.27 -17.99
N SER A 196 7.20 -3.57 -18.24
CA SER A 196 6.08 -4.10 -19.00
CA SER A 196 6.08 -4.09 -19.01
C SER A 196 4.72 -3.75 -18.40
N LEU A 197 4.62 -3.96 -17.09
CA LEU A 197 3.36 -3.69 -16.42
C LEU A 197 3.04 -2.21 -16.46
N ALA A 198 4.01 -1.35 -16.19
CA ALA A 198 3.70 0.08 -16.16
C ALA A 198 3.30 0.55 -17.57
N LYS A 199 3.99 0.05 -18.58
CA LYS A 199 3.71 0.50 -19.95
CA LYS A 199 3.70 0.41 -19.99
C LYS A 199 2.32 -0.04 -20.43
N THR A 200 2.00 -1.30 -20.22
CA THR A 200 0.71 -1.84 -20.62
CA THR A 200 0.65 -1.81 -20.63
C THR A 200 -0.45 -1.12 -19.85
N THR A 201 -0.24 -0.90 -18.56
CA THR A 201 -1.26 -0.19 -17.78
C THR A 201 -1.46 1.23 -18.29
N PHE A 202 -0.37 1.94 -18.59
CA PHE A 202 -0.52 3.33 -19.08
C PHE A 202 -1.26 3.33 -20.44
N ASP A 203 -0.89 2.41 -21.31
CA ASP A 203 -1.46 2.42 -22.68
C ASP A 203 -2.94 2.04 -22.65
N GLU A 204 -3.33 1.08 -21.80
CA GLU A 204 -4.74 0.65 -21.72
CA GLU A 204 -4.72 0.68 -21.78
C GLU A 204 -5.56 1.76 -21.07
N ALA A 205 -4.97 2.52 -20.15
CA ALA A 205 -5.74 3.62 -19.59
C ALA A 205 -5.93 4.74 -20.64
N MET A 206 -4.87 5.07 -21.37
CA MET A 206 -4.95 6.14 -22.34
CA MET A 206 -4.90 6.10 -22.43
C MET A 206 -6.09 5.88 -23.33
N ALA A 207 -6.23 4.63 -23.76
CA ALA A 207 -7.27 4.30 -24.72
C ALA A 207 -8.67 4.37 -24.18
N ASP A 208 -8.86 4.48 -22.84
CA ASP A 208 -10.18 4.48 -22.22
CA ASP A 208 -10.22 4.55 -22.32
C ASP A 208 -10.52 5.93 -21.70
N LEU A 209 -9.59 6.87 -21.81
CA LEU A 209 -9.82 8.23 -21.26
C LEU A 209 -11.04 8.90 -21.88
N HIS A 210 -11.31 8.54 -23.12
CA HIS A 210 -12.41 9.21 -23.86
C HIS A 210 -13.79 8.98 -23.20
N THR A 211 -13.87 7.96 -22.35
CA THR A 211 -15.14 7.58 -21.70
C THR A 211 -15.41 8.40 -20.48
N LEU A 212 -14.45 9.19 -20.01
CA LEU A 212 -14.49 9.85 -18.72
C LEU A 212 -15.01 11.26 -18.73
N SER A 213 -15.66 11.66 -17.62
CA SER A 213 -15.90 13.07 -17.30
C SER A 213 -14.64 13.85 -17.00
N GLU A 214 -14.72 15.20 -16.98
CA GLU A 214 -13.61 16.07 -16.66
CA GLU A 214 -13.53 16.01 -16.69
C GLU A 214 -12.97 15.67 -15.32
N ASP A 215 -13.83 15.42 -14.33
CA ASP A 215 -13.28 15.10 -13.02
C ASP A 215 -12.62 13.71 -12.96
N SER A 216 -13.27 12.71 -13.55
CA SER A 216 -12.67 11.36 -13.59
C SER A 216 -11.37 11.40 -14.38
N TYR A 217 -11.37 12.19 -15.47
CA TYR A 217 -10.15 12.29 -16.29
CA TYR A 217 -10.16 12.36 -16.29
C TYR A 217 -8.99 12.84 -15.46
N LYS A 218 -9.25 13.85 -14.62
CA LYS A 218 -8.22 14.41 -13.75
CA LYS A 218 -8.20 14.40 -13.78
C LYS A 218 -7.67 13.33 -12.79
N ASP A 219 -8.58 12.58 -12.17
CA ASP A 219 -8.23 11.50 -11.20
C ASP A 219 -7.30 10.47 -11.87
N SER A 220 -7.71 10.02 -13.05
CA SER A 220 -6.95 8.94 -13.76
C SER A 220 -5.63 9.47 -14.30
N THR A 221 -5.61 10.65 -14.91
CA THR A 221 -4.37 11.10 -15.50
C THR A 221 -3.31 11.41 -14.46
N LEU A 222 -3.73 11.77 -13.23
CA LEU A 222 -2.81 11.99 -12.11
CA LEU A 222 -2.74 12.01 -12.20
C LEU A 222 -1.96 10.73 -11.91
N ILE A 223 -2.65 9.60 -11.86
CA ILE A 223 -1.93 8.32 -11.57
C ILE A 223 -1.15 7.87 -12.78
N MET A 224 -1.71 8.12 -13.98
CA MET A 224 -0.96 7.81 -15.19
C MET A 224 0.38 8.55 -15.24
N GLN A 225 0.43 9.79 -14.71
CA GLN A 225 1.64 10.53 -14.72
C GLN A 225 2.69 9.89 -13.82
N LEU A 226 2.24 9.30 -12.71
CA LEU A 226 3.15 8.53 -11.83
C LEU A 226 3.71 7.33 -12.55
N LEU A 227 2.88 6.60 -13.32
CA LEU A 227 3.40 5.51 -14.14
C LEU A 227 4.44 6.00 -15.11
N ARG A 228 4.15 7.11 -15.77
CA ARG A 228 5.11 7.68 -16.74
CA ARG A 228 5.10 7.77 -16.71
C ARG A 228 6.41 8.15 -16.04
N ASP A 229 6.28 8.74 -14.86
CA ASP A 229 7.47 9.23 -14.08
C ASP A 229 8.37 8.01 -13.78
N ASN A 230 7.75 6.88 -13.40
CA ASN A 230 8.57 5.67 -13.13
C ASN A 230 9.19 5.13 -14.37
N LEU A 231 8.44 5.05 -15.47
CA LEU A 231 8.99 4.59 -16.71
C LEU A 231 10.20 5.40 -17.13
N THR A 232 10.11 6.72 -16.90
CA THR A 232 11.25 7.63 -17.09
C THR A 232 12.45 7.30 -16.18
N LEU A 233 12.22 6.99 -14.90
CA LEU A 233 13.32 6.62 -14.03
C LEU A 233 13.92 5.28 -14.45
N TRP A 234 13.12 4.38 -15.03
CA TRP A 234 13.56 2.98 -15.26
C TRP A 234 14.11 2.65 -16.65
N THR A 235 13.85 3.52 -17.61
CA THR A 235 14.28 3.28 -18.98
C THR A 235 15.26 4.36 -19.44
OAA 1CT B . 9.55 7.69 -1.94
OAB 1CT B . 6.86 2.60 -1.82
OAC 1CT B . 5.50 4.61 -0.91
OAD 1CT B . 4.25 2.57 -1.55
FAE 1CT B . 6.22 8.91 1.88
FAF 1CT B . 6.88 8.78 -0.11
FAG 1CT B . 5.52 7.27 0.66
CAH 1CT B . 10.17 5.92 2.03
CAI 1CT B . 5.20 4.89 -6.22
CAJ 1CT B . 9.48 6.73 2.94
CAK 1CT B . 4.25 3.98 -5.74
CAL 1CT B . 9.67 5.80 0.72
CAM 1CT B . 6.26 5.37 -5.41
CAN 1CT B . 8.34 7.40 2.59
CAO 1CT B . 4.31 3.49 -4.41
CAP 1CT B . 7.98 6.59 -3.40
NAQ 1CT B . 8.07 6.32 -0.94
OAR 1CT B . 7.30 5.26 -3.22
CAS 1CT B . 8.60 6.91 -2.01
CAT 1CT B . 8.52 6.49 0.34
CAU 1CT B . 6.31 4.86 -4.09
CAV 1CT B . 7.84 7.29 1.29
CAW 1CT B . 5.34 3.98 -3.61
CAX 1CT B . 6.57 8.06 0.93
PAY 1CT B . 5.53 3.34 -1.89
C1 GOL C . -3.11 11.80 -20.82
O1 GOL C . -2.91 12.39 -22.10
C2 GOL C . -1.81 11.45 -20.11
O2 GOL C . -0.67 11.65 -20.93
C3 GOL C . -1.70 12.34 -18.88
O3 GOL C . -0.83 11.76 -17.92
C1 GOL D . 0.66 11.32 15.17
O1 GOL D . -0.28 11.73 16.14
C2 GOL D . 2.00 11.98 14.81
O2 GOL D . 2.00 13.36 15.10
C3 GOL D . 2.39 11.60 13.40
O3 GOL D . 2.23 12.63 12.40
CL CL E . -10.07 12.15 21.83
CL CL F . -17.70 -11.78 0.70
CL CL G . 15.22 7.98 -18.63
MG MG H . -22.46 2.54 18.77
MG MG I . -19.61 -7.55 2.34
#